data_4IS2
#
_entry.id   4IS2
#
_cell.length_a   54.041
_cell.length_b   93.178
_cell.length_c   105.443
_cell.angle_alpha   90.000
_cell.angle_beta   90.000
_cell.angle_gamma   90.000
#
_symmetry.space_group_name_H-M   'I 2 2 2'
#
loop_
_entity.id
_entity.type
_entity.pdbx_description
1 polymer 'Bile acid 3-alpha hydroxysteroid dehydrogenase'
2 non-polymer 'CHLORIDE ION'
3 water water
#
_entity_poly.entity_id   1
_entity_poly.type   'polypeptide(L)'
_entity_poly.pdbx_seq_one_letter_code
;(MSE)GSDKIHHHHHHENLYFQG(MSE)NLVQDKVTIITGGTRGIGFAAAKIFIDNGAKVSIFGETQEEVDTALAQLKEL
YPEEEVLGFAPDLTSRDAV(MSE)AAVGQVAQKYGRLDV(MSE)INNAGITSNNVFSRVSEEEFKHI(MSE)DINVTGVF
NGAWCAYQC(MSE)KDAKKGVIINTASVTGIFGSLSGVGYPASKASVIGLTHGLGREIIRKNIRVVGVAPGVVNTD
(MSE)TNGNPPEI(MSE)EGYLKALP(MSE)KR(MSE)LEPEEIANVYLFLASDLASGITATTVSVDGAYRP
;
_entity_poly.pdbx_strand_id   A
#
loop_
_chem_comp.id
_chem_comp.type
_chem_comp.name
_chem_comp.formula
CL non-polymer 'CHLORIDE ION' 'Cl -1'
#
# COMPACT_ATOMS: atom_id res chain seq x y z
N MSE A 20 -3.01 22.97 1.51
CA MSE A 20 -3.74 21.91 2.26
C MSE A 20 -2.79 20.80 2.59
O MSE A 20 -1.88 20.46 1.81
CB MSE A 20 -4.93 21.32 1.51
CG MSE A 20 -4.49 20.59 0.23
SE MSE A 20 -6.04 19.67 -0.55
CE MSE A 20 -5.12 18.31 -1.61
N ASN A 21 -3.00 20.22 3.75
CA ASN A 21 -2.10 19.23 4.28
C ASN A 21 -2.93 18.17 4.94
N LEU A 22 -3.59 17.40 4.08
CA LEU A 22 -4.55 16.41 4.51
C LEU A 22 -3.96 15.26 5.32
N VAL A 23 -2.64 15.04 5.28
CA VAL A 23 -2.05 13.97 6.10
C VAL A 23 -0.87 14.48 6.92
N GLN A 24 -1.04 15.67 7.45
CA GLN A 24 0.01 16.36 8.16
C GLN A 24 0.54 15.51 9.30
N ASP A 25 1.84 15.30 9.29
CA ASP A 25 2.54 14.52 10.32
C ASP A 25 2.15 13.07 10.43
N LYS A 26 1.48 12.52 9.40
CA LYS A 26 1.15 11.11 9.40
CA LYS A 26 1.15 11.11 9.41
C LYS A 26 2.34 10.31 8.89
N VAL A 27 2.87 9.45 9.75
CA VAL A 27 3.97 8.57 9.40
C VAL A 27 3.36 7.48 8.47
N THR A 28 3.84 7.44 7.23
CA THR A 28 3.21 6.64 6.17
C THR A 28 4.22 5.71 5.50
N ILE A 29 3.85 4.44 5.30
CA ILE A 29 4.62 3.53 4.47
C ILE A 29 3.82 3.24 3.22
N ILE A 30 4.48 3.31 2.07
CA ILE A 30 3.88 2.98 0.78
C ILE A 30 4.63 1.81 0.14
N THR A 31 4.01 0.63 0.04
CA THR A 31 4.66 -0.46 -0.65
C THR A 31 4.56 -0.22 -2.17
N GLY A 32 5.51 -0.78 -2.89
CA GLY A 32 5.59 -0.58 -4.33
C GLY A 32 5.74 0.90 -4.62
N GLY A 33 6.49 1.61 -3.78
CA GLY A 33 6.53 3.04 -3.86
C GLY A 33 7.56 3.64 -4.82
N THR A 34 8.17 2.82 -5.65
CA THR A 34 9.21 3.27 -6.55
C THR A 34 8.72 3.61 -7.94
N ARG A 35 7.47 3.32 -8.26
CA ARG A 35 6.97 3.55 -9.60
C ARG A 35 5.48 3.75 -9.54
N GLY A 36 4.93 4.21 -10.65
CA GLY A 36 3.49 4.22 -10.87
C GLY A 36 2.70 4.89 -9.75
N ILE A 37 1.65 4.22 -9.35
CA ILE A 37 0.73 4.78 -8.36
C ILE A 37 1.44 5.08 -7.05
N GLY A 38 2.25 4.14 -6.62
CA GLY A 38 3.04 4.24 -5.40
C GLY A 38 3.91 5.48 -5.35
N PHE A 39 4.63 5.73 -6.44
CA PHE A 39 5.52 6.88 -6.49
C PHE A 39 4.73 8.18 -6.51
N ALA A 40 3.63 8.17 -7.25
CA ALA A 40 2.73 9.33 -7.31
C ALA A 40 2.17 9.61 -5.92
N ALA A 41 1.87 8.54 -5.17
CA ALA A 41 1.36 8.68 -3.80
C ALA A 41 2.42 9.24 -2.88
N ALA A 42 3.66 8.79 -3.05
CA ALA A 42 4.76 9.35 -2.27
C ALA A 42 4.86 10.84 -2.42
N LYS A 43 4.82 11.33 -3.65
CA LYS A 43 4.85 12.77 -3.88
C LYS A 43 3.68 13.52 -3.27
N ILE A 44 2.48 12.99 -3.50
CA ILE A 44 1.26 13.64 -3.02
C ILE A 44 1.23 13.64 -1.50
N PHE A 45 1.68 12.56 -0.88
CA PHE A 45 1.70 12.49 0.59
C PHE A 45 2.74 13.45 1.18
N ILE A 46 3.92 13.54 0.56
CA ILE A 46 4.92 14.52 0.99
C ILE A 46 4.33 15.93 0.89
N ASP A 47 3.71 16.25 -0.24
CA ASP A 47 3.04 17.53 -0.44
C ASP A 47 2.00 17.84 0.63
N ASN A 48 1.39 16.81 1.19
CA ASN A 48 0.32 16.98 2.15
C ASN A 48 0.79 16.81 3.59
N GLY A 49 2.11 16.83 3.79
CA GLY A 49 2.69 16.92 5.12
C GLY A 49 3.03 15.62 5.79
N ALA A 50 2.89 14.50 5.10
CA ALA A 50 3.26 13.22 5.66
C ALA A 50 4.75 13.02 5.81
N LYS A 51 5.11 12.13 6.72
CA LYS A 51 6.43 11.58 6.85
C LYS A 51 6.45 10.22 6.19
N VAL A 52 6.97 10.18 4.96
CA VAL A 52 6.80 9.07 4.05
C VAL A 52 8.03 8.16 4.03
N SER A 53 7.77 6.87 4.05
CA SER A 53 8.79 5.85 3.77
C SER A 53 8.26 5.00 2.65
N ILE A 54 9.12 4.59 1.73
CA ILE A 54 8.69 3.69 0.64
C ILE A 54 9.32 2.32 0.78
N PHE A 55 8.56 1.28 0.44
CA PHE A 55 9.13 -0.03 0.23
C PHE A 55 9.10 -0.24 -1.27
N GLY A 56 10.12 -0.94 -1.78
CA GLY A 56 10.18 -1.31 -3.19
C GLY A 56 10.75 -2.70 -3.40
N GLU A 57 10.81 -3.08 -4.67
CA GLU A 57 11.13 -4.44 -5.06
C GLU A 57 12.60 -4.78 -4.77
N THR A 58 13.51 -3.84 -5.04
CA THR A 58 14.91 -4.01 -4.74
C THR A 58 15.45 -2.69 -4.21
N GLN A 59 16.56 -2.78 -3.48
CA GLN A 59 17.17 -1.61 -2.91
C GLN A 59 17.65 -0.67 -4.02
N GLU A 60 18.09 -1.20 -5.16
CA GLU A 60 18.51 -0.31 -6.27
C GLU A 60 17.33 0.49 -6.80
N GLU A 61 16.20 -0.16 -7.02
CA GLU A 61 15.00 0.57 -7.47
C GLU A 61 14.60 1.59 -6.42
N VAL A 62 14.65 1.18 -5.15
CA VAL A 62 14.35 2.12 -4.06
C VAL A 62 15.28 3.32 -4.12
N ASP A 63 16.58 3.11 -4.24
CA ASP A 63 17.52 4.25 -4.26
C ASP A 63 17.30 5.18 -5.43
N THR A 64 16.90 4.64 -6.59
CA THR A 64 16.58 5.48 -7.74
CA THR A 64 16.60 5.52 -7.74
C THR A 64 15.38 6.38 -7.41
N ALA A 65 14.34 5.78 -6.84
CA ALA A 65 13.14 6.54 -6.46
C ALA A 65 13.45 7.60 -5.40
N LEU A 66 14.27 7.24 -4.42
CA LEU A 66 14.67 8.22 -3.39
C LEU A 66 15.44 9.41 -3.97
N ALA A 67 16.29 9.13 -4.96
CA ALA A 67 17.02 10.20 -5.63
C ALA A 67 16.04 11.10 -6.36
N GLN A 68 15.04 10.53 -7.01
CA GLN A 68 14.05 11.33 -7.73
C GLN A 68 13.19 12.17 -6.78
N LEU A 69 12.79 11.57 -5.66
CA LEU A 69 12.09 12.33 -4.63
C LEU A 69 12.93 13.48 -4.06
N LYS A 70 14.24 13.26 -3.86
CA LYS A 70 15.15 14.32 -3.40
C LYS A 70 15.28 15.48 -4.42
N GLU A 71 15.21 15.16 -5.71
CA GLU A 71 15.16 16.17 -6.79
C GLU A 71 13.93 17.07 -6.59
N LEU A 72 12.79 16.48 -6.21
CA LEU A 72 11.55 17.22 -6.01
C LEU A 72 11.49 17.90 -4.65
N TYR A 73 12.00 17.23 -3.62
CA TYR A 73 11.89 17.70 -2.25
C TYR A 73 13.24 17.59 -1.59
N PRO A 74 14.15 18.52 -1.90
CA PRO A 74 15.52 18.47 -1.39
C PRO A 74 15.64 18.46 0.13
N GLU A 75 14.67 19.03 0.83
CA GLU A 75 14.73 19.13 2.29
C GLU A 75 13.98 18.00 3.01
N GLU A 76 13.26 17.16 2.27
CA GLU A 76 12.45 16.11 2.91
C GLU A 76 13.23 14.86 3.15
N GLU A 77 13.15 14.34 4.37
CA GLU A 77 13.66 13.02 4.65
C GLU A 77 12.65 11.96 4.18
N VAL A 78 13.15 10.99 3.44
CA VAL A 78 12.34 9.87 2.99
C VAL A 78 13.19 8.61 3.16
N LEU A 79 12.71 7.65 3.94
CA LEU A 79 13.37 6.36 4.10
C LEU A 79 12.89 5.40 3.05
N GLY A 80 13.75 4.46 2.68
CA GLY A 80 13.38 3.41 1.70
C GLY A 80 13.93 2.08 2.12
N PHE A 81 13.16 1.02 1.94
CA PHE A 81 13.49 -0.35 2.27
C PHE A 81 13.00 -1.23 1.16
N ALA A 82 13.53 -2.46 1.10
CA ALA A 82 13.18 -3.42 0.06
C ALA A 82 12.90 -4.82 0.63
N PRO A 83 12.07 -4.92 1.67
CA PRO A 83 11.77 -6.23 2.19
C PRO A 83 11.07 -7.07 1.13
N ASP A 84 11.36 -8.37 1.14
CA ASP A 84 10.60 -9.32 0.39
C ASP A 84 9.20 -9.36 0.98
N LEU A 85 8.23 -8.86 0.22
CA LEU A 85 6.86 -8.76 0.70
C LEU A 85 6.22 -10.10 1.00
N THR A 86 6.76 -11.19 0.43
CA THR A 86 6.24 -12.52 0.68
C THR A 86 6.78 -13.06 2.00
N SER A 87 7.72 -12.35 2.64
CA SER A 87 8.27 -12.81 3.93
C SER A 87 7.77 -11.91 5.04
N ARG A 88 6.92 -12.46 5.91
CA ARG A 88 6.31 -11.62 6.94
C ARG A 88 7.38 -11.08 7.88
N ASP A 89 8.40 -11.89 8.14
CA ASP A 89 9.54 -11.45 8.97
C ASP A 89 10.26 -10.27 8.38
N ALA A 90 10.49 -10.29 7.05
CA ALA A 90 11.21 -9.17 6.43
C ALA A 90 10.36 -7.90 6.47
N VAL A 91 9.07 -8.05 6.23
CA VAL A 91 8.16 -6.92 6.28
C VAL A 91 8.12 -6.34 7.70
N MSE A 92 8.02 -7.21 8.70
CA MSE A 92 8.00 -6.79 10.12
C MSE A 92 9.29 -6.03 10.45
O MSE A 92 9.28 -4.99 11.11
CB MSE A 92 7.78 -7.97 11.06
CG MSE A 92 7.50 -7.55 12.51
SE MSE A 92 5.69 -6.75 12.72
CE MSE A 92 6.29 -4.96 12.71
N ALA A 93 10.43 -6.51 9.99
CA ALA A 93 11.69 -5.78 10.27
C ALA A 93 11.70 -4.37 9.67
N ALA A 94 11.22 -4.26 8.43
CA ALA A 94 11.21 -2.97 7.78
C ALA A 94 10.16 -2.08 8.47
N VAL A 95 8.99 -2.60 8.82
CA VAL A 95 8.02 -1.76 9.57
C VAL A 95 8.66 -1.29 10.91
N GLY A 96 9.45 -2.16 11.53
CA GLY A 96 10.09 -1.88 12.83
C GLY A 96 11.10 -0.73 12.71
N GLN A 97 11.77 -0.64 11.58
CA GLN A 97 12.74 0.44 11.35
C GLN A 97 12.02 1.77 11.23
N VAL A 98 10.87 1.77 10.57
CA VAL A 98 10.12 3.00 10.44
C VAL A 98 9.60 3.47 11.80
N ALA A 99 9.03 2.53 12.56
CA ALA A 99 8.55 2.85 13.90
C ALA A 99 9.69 3.30 14.80
N GLN A 100 10.86 2.72 14.60
CA GLN A 100 12.04 3.13 15.34
C GLN A 100 12.43 4.57 15.01
N LYS A 101 12.36 4.98 13.75
CA LYS A 101 12.69 6.36 13.39
C LYS A 101 11.67 7.35 13.95
N TYR A 102 10.39 7.05 13.83
CA TYR A 102 9.34 8.05 14.10
C TYR A 102 8.54 7.79 15.36
N GLY A 103 8.70 6.61 15.96
CA GLY A 103 7.97 6.25 17.19
C GLY A 103 6.59 5.63 16.97
N ARG A 104 6.14 5.59 15.72
CA ARG A 104 4.77 5.13 15.39
C ARG A 104 4.64 4.92 13.88
N LEU A 105 3.53 4.32 13.50
CA LEU A 105 3.10 4.16 12.12
C LEU A 105 1.64 4.60 12.03
N ASP A 106 1.33 5.62 11.24
CA ASP A 106 -0.04 6.12 11.14
C ASP A 106 -0.82 5.52 9.96
N VAL A 107 -0.11 5.30 8.85
CA VAL A 107 -0.73 4.86 7.60
C VAL A 107 0.13 3.82 6.92
N MSE A 108 -0.48 2.65 6.62
CA MSE A 108 0.15 1.59 5.83
CA MSE A 108 0.17 1.59 5.83
C MSE A 108 -0.60 1.47 4.54
O MSE A 108 -1.81 1.26 4.54
CB MSE A 108 0.05 0.27 6.58
CB MSE A 108 0.15 0.26 6.56
CG MSE A 108 0.72 -0.89 5.85
CG MSE A 108 0.47 -0.93 5.67
SE MSE A 108 2.67 -0.65 5.89
SE MSE A 108 2.33 -0.83 5.02
CE MSE A 108 3.22 -2.39 5.18
CE MSE A 108 3.08 -1.04 6.82
N ILE A 109 0.11 1.65 3.41
CA ILE A 109 -0.51 1.56 2.10
C ILE A 109 0.08 0.35 1.38
N ASN A 110 -0.69 -0.73 1.33
CA ASN A 110 -0.28 -1.94 0.64
C ASN A 110 -0.62 -1.80 -0.82
N ASN A 111 0.22 -1.03 -1.50
CA ASN A 111 -0.01 -0.66 -2.87
C ASN A 111 0.64 -1.59 -3.89
N ALA A 112 1.77 -2.23 -3.55
CA ALA A 112 2.48 -3.12 -4.49
C ALA A 112 1.55 -4.18 -5.09
N GLY A 113 1.66 -4.40 -6.38
CA GLY A 113 0.84 -5.41 -7.04
C GLY A 113 1.49 -5.69 -8.37
N ILE A 114 1.23 -6.88 -8.93
CA ILE A 114 1.70 -7.20 -10.27
C ILE A 114 0.55 -7.73 -11.11
N THR A 115 0.79 -7.76 -12.41
CA THR A 115 -0.18 -8.21 -13.42
C THR A 115 0.38 -9.42 -14.18
N SER A 116 -0.48 -10.27 -14.72
CA SER A 116 -0.01 -11.43 -15.47
C SER A 116 0.43 -11.03 -16.88
N ASN A 117 1.46 -11.70 -17.39
CA ASN A 117 1.80 -11.65 -18.83
C ASN A 117 0.70 -12.32 -19.64
N ASN A 118 0.29 -13.49 -19.14
CA ASN A 118 -0.56 -14.39 -19.88
C ASN A 118 -2.01 -14.39 -19.44
N VAL A 119 -2.87 -14.73 -20.38
CA VAL A 119 -4.21 -15.19 -20.05
C VAL A 119 -4.19 -16.58 -19.42
N PHE A 120 -5.25 -16.83 -18.65
CA PHE A 120 -5.55 -18.10 -17.97
C PHE A 120 -5.00 -19.39 -18.61
N SER A 121 -5.39 -19.70 -19.83
CA SER A 121 -5.00 -20.98 -20.42
C SER A 121 -3.49 -21.15 -20.56
N ARG A 122 -2.75 -20.04 -20.53
CA ARG A 122 -1.30 -20.08 -20.74
CA ARG A 122 -1.30 -19.98 -20.77
C ARG A 122 -0.50 -19.65 -19.51
N VAL A 123 -1.15 -19.17 -18.47
CA VAL A 123 -0.41 -18.77 -17.28
C VAL A 123 0.23 -20.02 -16.63
N SER A 124 1.49 -19.91 -16.22
CA SER A 124 2.21 -21.04 -15.62
C SER A 124 1.86 -21.09 -14.16
N GLU A 125 2.02 -22.28 -13.58
CA GLU A 125 1.78 -22.43 -12.14
CA GLU A 125 1.83 -22.47 -12.15
C GLU A 125 2.69 -21.46 -11.38
N GLU A 126 3.92 -21.30 -11.86
CA GLU A 126 4.87 -20.39 -11.22
C GLU A 126 4.45 -18.91 -11.30
N GLU A 127 3.94 -18.46 -12.45
CA GLU A 127 3.44 -17.08 -12.56
CA GLU A 127 3.43 -17.10 -12.57
C GLU A 127 2.23 -16.88 -11.64
N PHE A 128 1.28 -17.82 -11.66
CA PHE A 128 0.10 -17.70 -10.82
C PHE A 128 0.47 -17.57 -9.34
N LYS A 129 1.38 -18.41 -8.87
CA LYS A 129 1.75 -18.37 -7.44
C LYS A 129 2.49 -17.10 -7.13
N HIS A 130 3.24 -16.61 -8.08
CA HIS A 130 3.93 -15.34 -7.88
C HIS A 130 2.96 -14.15 -7.75
N ILE A 131 1.93 -14.13 -8.58
CA ILE A 131 0.90 -13.11 -8.50
C ILE A 131 0.20 -13.17 -7.13
N MSE A 132 -0.22 -14.37 -6.74
CA MSE A 132 -0.84 -14.57 -5.41
C MSE A 132 0.12 -14.11 -4.32
O MSE A 132 -0.28 -13.43 -3.38
CB MSE A 132 -1.17 -16.02 -5.17
CG MSE A 132 -2.58 -16.55 -5.56
SE MSE A 132 -4.07 -15.35 -5.93
CE MSE A 132 -3.66 -14.66 -7.71
N ASP A 133 1.40 -14.44 -4.46
CA ASP A 133 2.40 -14.08 -3.45
C ASP A 133 2.54 -12.59 -3.21
N ILE A 134 2.57 -11.82 -4.28
CA ILE A 134 2.66 -10.38 -4.15
C ILE A 134 1.31 -9.76 -3.87
N ASN A 135 0.30 -10.10 -4.69
CA ASN A 135 -0.99 -9.41 -4.61
C ASN A 135 -1.82 -9.80 -3.39
N VAL A 136 -1.64 -11.01 -2.83
CA VAL A 136 -2.45 -11.41 -1.67
C VAL A 136 -1.60 -11.58 -0.42
N THR A 137 -0.57 -12.42 -0.50
CA THR A 137 0.30 -12.63 0.67
C THR A 137 1.02 -11.38 1.07
N GLY A 138 1.52 -10.65 0.07
CA GLY A 138 2.20 -9.38 0.38
C GLY A 138 1.31 -8.37 1.10
N VAL A 139 0.06 -8.28 0.67
CA VAL A 139 -0.90 -7.34 1.26
C VAL A 139 -1.24 -7.84 2.67
N PHE A 140 -1.53 -9.14 2.82
CA PHE A 140 -1.75 -9.67 4.17
C PHE A 140 -0.57 -9.38 5.08
N ASN A 141 0.66 -9.59 4.60
CA ASN A 141 1.87 -9.36 5.42
C ASN A 141 1.97 -7.92 5.86
N GLY A 142 1.77 -7.01 4.91
CA GLY A 142 1.78 -5.57 5.23
C GLY A 142 0.71 -5.19 6.23
N ALA A 143 -0.51 -5.70 6.06
CA ALA A 143 -1.59 -5.42 6.98
C ALA A 143 -1.32 -5.96 8.39
N TRP A 144 -0.84 -7.21 8.47
CA TRP A 144 -0.55 -7.89 9.74
C TRP A 144 0.53 -7.16 10.51
N CYS A 145 1.59 -6.78 9.80
CA CYS A 145 2.72 -6.07 10.42
C CYS A 145 2.30 -4.69 10.91
N ALA A 146 1.52 -3.96 10.09
CA ALA A 146 1.00 -2.65 10.47
C ALA A 146 0.09 -2.76 11.66
N TYR A 147 -0.72 -3.81 11.72
CA TYR A 147 -1.59 -4.02 12.86
C TYR A 147 -0.83 -4.23 14.16
N GLN A 148 0.23 -5.05 14.13
CA GLN A 148 1.04 -5.31 15.34
C GLN A 148 1.62 -4.00 15.87
N CYS A 149 2.04 -3.16 14.95
CA CYS A 149 2.54 -1.84 15.27
C CYS A 149 1.50 -0.84 15.82
N MSE A 150 0.28 -0.86 15.28
CA MSE A 150 -0.76 0.13 15.58
CA MSE A 150 -0.70 0.17 15.64
C MSE A 150 -1.75 -0.31 16.63
O MSE A 150 -2.55 0.48 17.10
CB MSE A 150 -1.65 0.33 14.33
CB MSE A 150 -1.31 0.71 14.33
CG MSE A 150 -1.03 1.08 13.17
CG MSE A 150 -0.21 1.30 13.44
SE MSE A 150 -2.23 0.87 11.61
SE MSE A 150 -0.89 2.20 11.82
CE MSE A 150 -1.12 1.75 10.31
CE MSE A 150 -1.78 0.65 10.99
N LYS A 151 -1.75 -1.59 16.98
CA LYS A 151 -2.88 -2.12 17.76
C LYS A 151 -3.16 -1.49 19.15
N ASP A 152 -2.16 -0.88 19.78
CA ASP A 152 -2.37 -0.25 21.08
C ASP A 152 -2.44 1.27 20.96
N ALA A 153 -2.45 1.80 19.75
CA ALA A 153 -2.45 3.24 19.59
C ALA A 153 -3.86 3.82 19.47
N LYS A 154 -4.87 2.96 19.35
CA LYS A 154 -6.24 3.42 19.08
C LYS A 154 -6.31 4.46 17.93
N LYS A 155 -5.40 4.36 16.95
CA LYS A 155 -5.43 5.21 15.76
CA LYS A 155 -5.49 5.15 15.73
C LYS A 155 -4.56 4.58 14.66
N GLY A 156 -5.04 4.60 13.43
CA GLY A 156 -4.24 4.05 12.32
C GLY A 156 -5.15 3.79 11.14
N VAL A 157 -4.54 3.75 9.96
CA VAL A 157 -5.22 3.41 8.73
C VAL A 157 -4.38 2.43 7.94
N ILE A 158 -5.01 1.35 7.50
CA ILE A 158 -4.40 0.39 6.58
C ILE A 158 -5.21 0.44 5.27
N ILE A 159 -4.54 0.72 4.17
CA ILE A 159 -5.17 0.82 2.85
C ILE A 159 -4.61 -0.32 2.01
N ASN A 160 -5.50 -1.17 1.53
CA ASN A 160 -5.12 -2.31 0.69
C ASN A 160 -5.54 -2.11 -0.75
N THR A 161 -4.60 -2.18 -1.68
CA THR A 161 -4.90 -2.05 -3.12
C THR A 161 -5.18 -3.40 -3.74
N ALA A 162 -6.33 -3.51 -4.42
CA ALA A 162 -6.79 -4.74 -5.00
C ALA A 162 -6.69 -4.55 -6.48
N SER A 163 -5.54 -4.91 -7.05
CA SER A 163 -5.20 -4.61 -8.44
CA SER A 163 -5.28 -4.57 -8.45
C SER A 163 -5.72 -5.69 -9.39
N VAL A 164 -6.02 -5.30 -10.63
CA VAL A 164 -6.52 -6.26 -11.61
C VAL A 164 -5.46 -7.34 -11.94
N THR A 165 -5.88 -8.59 -11.77
CA THR A 165 -5.01 -9.80 -11.86
C THR A 165 -4.20 -9.86 -13.17
N GLY A 166 -4.84 -9.51 -14.29
CA GLY A 166 -4.27 -9.65 -15.63
C GLY A 166 -4.69 -10.95 -16.32
N ILE A 167 -5.11 -11.94 -15.53
CA ILE A 167 -5.33 -13.32 -15.96
C ILE A 167 -6.60 -13.50 -16.78
N PHE A 168 -7.66 -12.76 -16.45
CA PHE A 168 -8.98 -12.98 -17.04
C PHE A 168 -9.43 -11.78 -17.86
CA PRO A 177 -9.84 -11.16 -11.31
C PRO A 177 -9.73 -11.68 -9.86
N ALA A 178 -8.91 -12.72 -9.63
CA ALA A 178 -8.90 -13.48 -8.36
C ALA A 178 -8.22 -12.74 -7.19
N SER A 179 -6.95 -12.38 -7.36
CA SER A 179 -6.25 -11.58 -6.36
C SER A 179 -7.00 -10.28 -5.95
N LYS A 180 -7.65 -9.64 -6.91
CA LYS A 180 -8.42 -8.42 -6.65
C LYS A 180 -9.52 -8.69 -5.63
N ALA A 181 -10.31 -9.72 -5.87
CA ALA A 181 -11.39 -10.06 -4.99
C ALA A 181 -10.87 -10.52 -3.60
N SER A 182 -9.68 -11.15 -3.55
CA SER A 182 -9.12 -11.58 -2.26
CA SER A 182 -9.09 -11.59 -2.28
C SER A 182 -8.75 -10.41 -1.35
N VAL A 183 -8.16 -9.38 -1.94
CA VAL A 183 -7.82 -8.19 -1.17
C VAL A 183 -9.08 -7.48 -0.69
N ILE A 184 -10.14 -7.48 -1.51
CA ILE A 184 -11.42 -6.88 -1.13
C ILE A 184 -11.99 -7.62 0.08
N GLY A 185 -11.94 -8.96 0.03
CA GLY A 185 -12.42 -9.78 1.15
C GLY A 185 -11.59 -9.57 2.41
N LEU A 186 -10.28 -9.53 2.23
CA LEU A 186 -9.31 -9.24 3.30
C LEU A 186 -9.60 -7.90 3.99
N THR A 187 -9.82 -6.88 3.17
CA THR A 187 -10.18 -5.56 3.66
C THR A 187 -11.50 -5.50 4.45
N HIS A 188 -12.54 -6.15 3.94
CA HIS A 188 -13.82 -6.15 4.63
C HIS A 188 -13.72 -6.94 5.96
N GLY A 189 -13.12 -8.12 5.91
CA GLY A 189 -13.01 -8.97 7.09
C GLY A 189 -12.14 -8.34 8.18
N LEU A 190 -10.94 -7.93 7.79
CA LEU A 190 -10.02 -7.32 8.75
C LEU A 190 -10.61 -6.04 9.35
N GLY A 191 -11.23 -5.20 8.53
CA GLY A 191 -11.84 -3.96 9.00
C GLY A 191 -12.89 -4.16 10.09
N ARG A 192 -13.79 -5.12 9.87
CA ARG A 192 -14.85 -5.41 10.85
CA ARG A 192 -14.85 -5.49 10.83
C ARG A 192 -14.27 -6.04 12.12
N GLU A 193 -13.22 -6.85 11.98
CA GLU A 193 -12.58 -7.52 13.12
C GLU A 193 -11.85 -6.56 14.07
N ILE A 194 -11.19 -5.55 13.54
CA ILE A 194 -10.37 -4.63 14.35
C ILE A 194 -10.98 -3.21 14.47
N ILE A 195 -12.26 -3.08 14.11
CA ILE A 195 -12.98 -1.81 14.20
C ILE A 195 -12.93 -1.32 15.65
N ARG A 196 -13.09 -2.25 16.58
CA ARG A 196 -12.92 -2.04 18.02
C ARG A 196 -11.62 -1.27 18.38
N LYS A 197 -10.51 -1.56 17.68
CA LYS A 197 -9.21 -0.91 17.92
C LYS A 197 -9.06 0.50 17.33
N ASN A 198 -10.11 1.02 16.68
CA ASN A 198 -10.02 2.32 15.99
C ASN A 198 -8.90 2.39 14.92
N ILE A 199 -8.66 1.26 14.29
CA ILE A 199 -7.83 1.19 13.10
C ILE A 199 -8.80 1.00 11.95
N ARG A 200 -8.73 1.88 10.96
CA ARG A 200 -9.52 1.77 9.75
C ARG A 200 -8.78 0.92 8.76
N VAL A 201 -9.53 0.08 8.07
CA VAL A 201 -8.99 -0.71 7.00
C VAL A 201 -9.86 -0.45 5.78
N VAL A 202 -9.26 -0.02 4.70
CA VAL A 202 -10.01 0.35 3.49
CA VAL A 202 -10.01 0.33 3.50
C VAL A 202 -9.27 -0.14 2.26
N GLY A 203 -10.05 -0.47 1.23
CA GLY A 203 -9.49 -0.93 -0.01
C GLY A 203 -9.67 0.07 -1.11
N VAL A 204 -8.80 -0.06 -2.11
CA VAL A 204 -8.90 0.67 -3.36
C VAL A 204 -8.77 -0.34 -4.50
N ALA A 205 -9.75 -0.35 -5.41
CA ALA A 205 -9.72 -1.20 -6.60
C ALA A 205 -9.59 -0.31 -7.82
N PRO A 206 -8.36 -0.09 -8.28
CA PRO A 206 -8.19 0.77 -9.42
C PRO A 206 -8.53 0.07 -10.72
N GLY A 207 -8.92 0.85 -11.72
CA GLY A 207 -9.09 0.33 -13.08
C GLY A 207 -7.74 0.30 -13.78
N VAL A 208 -7.76 0.37 -15.11
CA VAL A 208 -6.54 0.41 -15.91
C VAL A 208 -5.86 1.79 -15.80
N VAL A 209 -4.59 1.79 -15.43
CA VAL A 209 -3.83 3.03 -15.18
C VAL A 209 -2.72 3.26 -16.21
N ASN A 210 -2.40 4.53 -16.45
CA ASN A 210 -1.40 4.93 -17.44
C ASN A 210 0.05 4.81 -16.94
N THR A 211 0.69 3.66 -17.20
CA THR A 211 2.09 3.37 -16.79
C THR A 211 2.30 3.54 -15.29
N MSE A 234 -8.37 6.22 -19.72
CA MSE A 234 -7.34 5.68 -18.85
C MSE A 234 -7.13 6.62 -17.68
O MSE A 234 -7.10 7.84 -17.84
CB MSE A 234 -6.03 5.47 -19.63
CG MSE A 234 -5.13 4.39 -19.03
SE MSE A 234 -4.14 3.36 -20.42
CE MSE A 234 -5.66 2.24 -21.02
N LEU A 235 -6.98 6.03 -16.50
CA LEU A 235 -6.66 6.79 -15.28
C LEU A 235 -5.18 7.13 -15.19
N GLU A 236 -4.89 8.33 -14.71
CA GLU A 236 -3.54 8.72 -14.35
C GLU A 236 -3.22 8.18 -12.95
N PRO A 237 -1.93 7.90 -12.67
CA PRO A 237 -1.57 7.38 -11.35
C PRO A 237 -1.96 8.32 -10.21
N GLU A 238 -1.84 9.62 -10.44
CA GLU A 238 -2.26 10.62 -9.46
C GLU A 238 -3.72 10.48 -9.03
N GLU A 239 -4.59 10.06 -9.95
CA GLU A 239 -6.01 9.89 -9.65
C GLU A 239 -6.28 8.78 -8.67
N ILE A 240 -5.42 7.77 -8.67
CA ILE A 240 -5.50 6.73 -7.67
C ILE A 240 -4.88 7.21 -6.37
N ALA A 241 -3.72 7.84 -6.46
CA ALA A 241 -3.01 8.32 -5.27
C ALA A 241 -3.84 9.34 -4.48
N ASN A 242 -4.62 10.17 -5.20
CA ASN A 242 -5.52 11.13 -4.53
C ASN A 242 -6.58 10.47 -3.66
N VAL A 243 -7.00 9.28 -4.05
CA VAL A 243 -7.90 8.49 -3.26
C VAL A 243 -7.22 7.93 -2.03
N TYR A 244 -5.97 7.45 -2.17
CA TYR A 244 -5.18 7.06 -1.01
C TYR A 244 -5.13 8.20 -0.01
N LEU A 245 -4.86 9.38 -0.52
CA LEU A 245 -4.74 10.59 0.28
C LEU A 245 -6.01 10.86 1.08
N PHE A 246 -7.14 10.87 0.41
CA PHE A 246 -8.41 11.09 1.09
C PHE A 246 -8.63 10.03 2.16
N LEU A 247 -8.43 8.76 1.80
CA LEU A 247 -8.70 7.66 2.72
C LEU A 247 -7.78 7.66 3.95
N ALA A 248 -6.52 8.08 3.77
CA ALA A 248 -5.56 8.25 4.88
C ALA A 248 -5.89 9.45 5.78
N SER A 249 -6.65 10.41 5.26
CA SER A 249 -6.96 11.62 6.01
C SER A 249 -8.11 11.39 7.00
N ASP A 250 -8.25 12.35 7.91
CA ASP A 250 -9.36 12.34 8.87
C ASP A 250 -10.71 12.66 8.23
N LEU A 251 -10.71 13.17 6.99
CA LEU A 251 -11.97 13.28 6.27
C LEU A 251 -12.65 11.93 6.00
N ALA A 252 -11.87 10.85 5.99
CA ALA A 252 -12.40 9.50 5.76
C ALA A 252 -12.63 8.72 7.06
N SER A 253 -12.74 9.43 8.18
CA SER A 253 -12.88 8.76 9.48
C SER A 253 -14.10 7.86 9.52
N GLY A 254 -15.09 8.11 8.68
CA GLY A 254 -16.31 7.29 8.66
C GLY A 254 -16.24 6.06 7.77
N ILE A 255 -15.10 5.87 7.10
CA ILE A 255 -14.93 4.83 6.11
C ILE A 255 -14.03 3.70 6.59
N THR A 256 -14.59 2.51 6.74
CA THR A 256 -13.76 1.35 7.03
C THR A 256 -14.47 0.09 6.58
N ALA A 257 -13.70 -0.97 6.46
CA ALA A 257 -14.19 -2.30 6.10
C ALA A 257 -14.90 -2.28 4.75
N THR A 258 -14.37 -1.54 3.80
CA THR A 258 -14.96 -1.47 2.49
C THR A 258 -13.89 -1.13 1.48
N THR A 259 -14.22 -1.29 0.20
CA THR A 259 -13.30 -1.00 -0.88
C THR A 259 -13.91 0.02 -1.84
N VAL A 260 -13.15 1.05 -2.18
CA VAL A 260 -13.56 2.06 -3.14
C VAL A 260 -13.07 1.70 -4.56
N SER A 261 -13.99 1.59 -5.51
CA SER A 261 -13.63 1.42 -6.92
C SER A 261 -13.28 2.73 -7.57
N VAL A 262 -12.12 2.74 -8.21
CA VAL A 262 -11.67 3.91 -8.90
C VAL A 262 -11.40 3.59 -10.38
N ASP A 263 -12.39 3.80 -11.23
CA ASP A 263 -12.35 3.37 -12.64
C ASP A 263 -12.38 4.40 -13.78
N GLY A 264 -12.59 5.70 -13.51
CA GLY A 264 -12.79 6.68 -14.62
CL CL B . 11.77 20.04 0.30
#